data_1R5B
#
_entry.id   1R5B
#
_cell.length_a   83.796
_cell.length_b   83.796
_cell.length_c   165.937
_cell.angle_alpha   90.00
_cell.angle_beta   90.00
_cell.angle_gamma   90.00
#
_symmetry.space_group_name_H-M   'P 43 21 2'
#
loop_
_entity.id
_entity.type
_entity.pdbx_description
1 polymer 'Eukaryotic peptide chain release factor GTP-binding subunit'
2 water water
#
_entity_poly.entity_id   1
_entity_poly.type   'polypeptide(L)'
_entity_poly.pdbx_seq_one_letter_code
;SAPAAALKKAAEAAEPATVTEDATDLQNEVDQELLKDMYGKEHVNIVFIGHVDAGKSTLGGNILFLTGMVDKRTMEKIER
EAKEAGKESWYLSWALDSTSEEREKGKTVEVGRAYFETEHRRFSLLDAPGHKGYVTNMINGASQADIGVLVISARRGEFE
AGFERGGQTREHAVLARTQGINHLVVVINKMDEPSVQWSEERYKECVDKLSMFLRRVAGYNSKTDVKYMPVSAYTGQNVK
DRVDSSVCPWYQGPSLLEYLDSMTHLERKVNAPFIMPIASKYKDLGTILEGKIEAGSIKKNSNVLVMPINQTLEVTAIYD
EADEEISSSICGDQVRLRVRGDDSDVQTGYVLTSTKNPVHATTRFIAQIAILELPSILTTGYSCVMHIHTAVEEVSFAKL
LHKLDKTNRKSKKPPMFATKGMKIIAELETQTPVCMERFEDYQYMGRFTLRDQGTTVAVGKVVKILD
;
_entity_poly.pdbx_strand_id   A
#
# COMPACT_ATOMS: atom_id res chain seq x y z
N THR A 20 -3.33 28.59 -3.48
CA THR A 20 -4.28 27.78 -2.65
C THR A 20 -4.34 26.32 -3.16
N GLU A 21 -5.54 25.74 -3.31
CA GLU A 21 -5.69 24.30 -3.47
C GLU A 21 -5.24 23.76 -4.83
N ASP A 22 -5.11 22.43 -4.89
CA ASP A 22 -4.75 21.70 -6.11
C ASP A 22 -6.02 20.99 -6.57
N ALA A 23 -6.54 21.37 -7.75
CA ALA A 23 -7.86 20.92 -8.22
C ALA A 23 -7.99 19.39 -8.30
N THR A 24 -7.05 18.75 -9.01
CA THR A 24 -7.05 17.31 -9.20
C THR A 24 -5.63 16.73 -9.23
N ASP A 25 -5.40 15.66 -8.47
CA ASP A 25 -4.19 14.82 -8.56
C ASP A 25 -3.84 14.49 -10.00
N LEU A 26 -2.64 13.97 -10.20
CA LEU A 26 -2.29 13.44 -11.51
C LEU A 26 -3.12 12.20 -11.80
N GLN A 27 -3.46 11.46 -10.75
CA GLN A 27 -4.26 10.25 -10.84
C GLN A 27 -5.66 10.55 -11.31
N ASN A 28 -6.30 11.50 -10.64
CA ASN A 28 -7.66 11.92 -10.97
C ASN A 28 -7.82 12.26 -12.46
N GLU A 29 -6.71 12.59 -13.13
CA GLU A 29 -6.68 12.83 -14.58
C GLU A 29 -6.17 11.60 -15.36
N VAL A 30 -6.78 10.43 -15.14
CA VAL A 30 -6.54 9.23 -15.98
C VAL A 30 -7.81 8.36 -16.17
N ASP A 31 -7.92 7.70 -17.33
CA ASP A 31 -8.98 6.69 -17.57
C ASP A 31 -8.81 5.81 -18.85
N GLN A 32 -9.30 4.56 -18.76
CA GLN A 32 -9.21 3.47 -19.77
C GLN A 32 -8.18 2.39 -19.33
N GLU A 33 -8.61 1.14 -19.17
CA GLU A 33 -7.81 0.05 -18.54
C GLU A 33 -6.56 -0.48 -19.28
N LEU A 34 -5.95 0.37 -20.11
CA LEU A 34 -4.54 0.26 -20.47
C LEU A 34 -3.65 0.68 -19.27
N LEU A 35 -4.27 1.31 -18.27
CA LEU A 35 -3.66 1.67 -17.00
C LEU A 35 -3.04 0.45 -16.31
N LYS A 36 -3.77 -0.67 -16.34
CA LYS A 36 -3.22 -1.95 -15.87
C LYS A 36 -2.18 -2.39 -16.90
N ASP A 37 -1.15 -3.12 -16.46
CA ASP A 37 -0.04 -3.51 -17.35
C ASP A 37 1.05 -2.45 -17.40
N MET A 38 0.64 -1.17 -17.40
CA MET A 38 1.57 -0.07 -17.12
C MET A 38 1.76 0.00 -15.59
N TYR A 39 0.75 0.51 -14.89
CA TYR A 39 0.79 0.60 -13.43
C TYR A 39 0.42 -0.76 -12.81
N GLY A 40 1.44 -1.58 -12.52
CA GLY A 40 1.23 -2.90 -11.96
C GLY A 40 0.78 -2.87 -10.51
N LYS A 41 0.20 -3.99 -10.04
CA LYS A 41 -0.22 -4.17 -8.65
C LYS A 41 0.91 -3.99 -7.62
N GLU A 42 0.58 -3.42 -6.46
CA GLU A 42 1.56 -3.15 -5.41
C GLU A 42 2.03 -4.44 -4.74
N HIS A 43 3.35 -4.64 -4.65
CA HIS A 43 3.90 -5.81 -3.99
C HIS A 43 3.87 -5.62 -2.50
N VAL A 44 3.40 -6.64 -1.80
CA VAL A 44 3.28 -6.67 -0.35
C VAL A 44 3.80 -8.00 0.18
N ASN A 45 4.44 -7.98 1.35
CA ASN A 45 4.90 -9.19 2.02
C ASN A 45 3.99 -9.50 3.18
N ILE A 46 3.51 -10.72 3.24
CA ILE A 46 2.57 -11.15 4.28
C ILE A 46 3.05 -12.43 4.91
N VAL A 47 2.92 -12.52 6.22
CA VAL A 47 3.31 -13.71 6.95
C VAL A 47 2.15 -14.16 7.82
N PHE A 48 1.92 -15.47 7.85
CA PHE A 48 0.86 -16.07 8.65
C PHE A 48 1.47 -16.79 9.84
N ILE A 49 0.85 -16.60 11.01
CA ILE A 49 1.34 -17.13 12.27
C ILE A 49 0.20 -17.86 12.99
N GLY A 50 0.54 -18.91 13.73
CA GLY A 50 -0.46 -19.69 14.44
C GLY A 50 -0.07 -21.14 14.57
N HIS A 51 -0.93 -21.92 15.21
CA HIS A 51 -0.71 -23.36 15.37
C HIS A 51 -1.02 -24.08 14.07
N VAL A 52 -0.32 -25.19 13.82
CA VAL A 52 -0.55 -26.01 12.62
C VAL A 52 -2.01 -26.44 12.52
N ASP A 53 -2.62 -26.74 13.65
CA ASP A 53 -3.96 -27.29 13.71
C ASP A 53 -5.02 -26.20 13.64
N ALA A 54 -4.59 -24.96 13.88
CA ALA A 54 -5.49 -23.81 13.82
C ALA A 54 -5.88 -23.44 12.38
N GLY A 55 -5.11 -23.97 11.42
CA GLY A 55 -5.45 -23.86 10.02
C GLY A 55 -4.80 -22.71 9.29
N LYS A 56 -3.64 -22.23 9.74
CA LYS A 56 -2.93 -21.19 9.00
C LYS A 56 -2.49 -21.69 7.62
N SER A 57 -2.26 -23.00 7.53
CA SER A 57 -1.78 -23.63 6.31
C SER A 57 -2.96 -23.86 5.36
N THR A 58 -4.13 -24.23 5.88
CA THR A 58 -5.31 -24.38 5.02
C THR A 58 -5.95 -23.03 4.59
N LEU A 59 -5.62 -21.95 5.31
CA LEU A 59 -6.02 -20.60 4.93
C LEU A 59 -5.21 -20.10 3.73
N GLY A 60 -3.90 -20.30 3.77
CA GLY A 60 -3.04 -19.87 2.69
C GLY A 60 -3.34 -20.63 1.41
N GLY A 61 -3.61 -21.91 1.56
CA GLY A 61 -3.96 -22.75 0.42
C GLY A 61 -5.28 -22.34 -0.18
N ASN A 62 -6.25 -22.04 0.68
CA ASN A 62 -7.58 -21.67 0.23
C ASN A 62 -7.59 -20.27 -0.41
N ILE A 63 -6.68 -19.41 0.04
CA ILE A 63 -6.52 -18.09 -0.58
C ILE A 63 -5.95 -18.31 -1.98
N LEU A 64 -4.95 -19.17 -2.10
CA LEU A 64 -4.35 -19.42 -3.41
C LEU A 64 -5.38 -19.97 -4.36
N PHE A 65 -6.31 -20.76 -3.85
CA PHE A 65 -7.30 -21.41 -4.68
C PHE A 65 -8.37 -20.43 -5.14
N LEU A 66 -8.96 -19.70 -4.20
CA LEU A 66 -10.04 -18.77 -4.51
C LEU A 66 -9.60 -17.61 -5.39
N THR A 67 -8.29 -17.36 -5.36
CA THR A 67 -7.67 -16.27 -6.04
C THR A 67 -7.07 -16.72 -7.39
N GLY A 68 -7.29 -17.98 -7.76
CA GLY A 68 -6.92 -18.52 -9.07
C GLY A 68 -5.45 -18.82 -9.32
N MET A 69 -4.62 -18.79 -8.27
CA MET A 69 -3.20 -19.12 -8.41
C MET A 69 -2.93 -20.63 -8.50
N VAL A 70 -3.76 -21.44 -7.85
CA VAL A 70 -3.65 -22.89 -7.92
C VAL A 70 -5.03 -23.52 -8.11
N ASP A 71 -5.05 -24.72 -8.70
CA ASP A 71 -6.31 -25.46 -8.86
C ASP A 71 -6.59 -26.27 -7.61
N LYS A 72 -7.74 -26.95 -7.59
CA LYS A 72 -8.20 -27.68 -6.41
C LYS A 72 -7.19 -28.73 -5.96
N ARG A 73 -6.71 -29.55 -6.91
CA ARG A 73 -5.79 -30.65 -6.58
C ARG A 73 -4.52 -30.14 -5.87
N THR A 74 -4.02 -28.98 -6.29
CA THR A 74 -2.79 -28.42 -5.75
C THR A 74 -2.99 -27.84 -4.35
N MET A 75 -4.17 -27.27 -4.17
CA MET A 75 -4.60 -26.80 -2.87
C MET A 75 -4.77 -27.94 -1.89
N GLU A 76 -5.23 -29.11 -2.34
CA GLU A 76 -5.36 -30.24 -1.46
C GLU A 76 -3.92 -30.68 -1.10
N LYS A 77 -3.04 -30.60 -2.13
CA LYS A 77 -1.66 -31.12 -2.05
C LYS A 77 -0.96 -30.42 -0.91
N ILE A 78 -1.34 -29.18 -0.72
CA ILE A 78 -0.77 -28.32 0.29
C ILE A 78 -1.32 -28.63 1.69
N GLU A 79 -2.62 -28.90 1.77
CA GLU A 79 -3.26 -29.35 3.02
C GLU A 79 -2.57 -30.56 3.66
N ARG A 80 -2.15 -31.54 2.85
CA ARG A 80 -1.58 -32.78 3.39
C ARG A 80 -0.05 -32.81 3.41
N GLU A 81 0.60 -31.94 2.65
CA GLU A 81 2.05 -31.76 2.75
C GLU A 81 2.38 -30.93 3.99
N ALA A 82 1.40 -30.15 4.46
CA ALA A 82 1.51 -29.41 5.71
C ALA A 82 1.40 -30.32 6.96
N LYS A 83 1.38 -31.64 6.74
CA LYS A 83 1.53 -32.62 7.84
C LYS A 83 3.03 -32.82 8.17
N GLU A 84 3.60 -31.85 8.88
CA GLU A 84 5.02 -31.88 9.26
C GLU A 84 5.18 -32.40 10.69
N ARG A 113 8.41 -18.90 -5.20
CA ARG A 113 7.96 -18.13 -4.03
C ARG A 113 6.45 -17.83 -4.12
N ALA A 114 5.65 -18.52 -3.32
CA ALA A 114 4.19 -18.45 -3.48
C ALA A 114 3.69 -17.03 -3.25
N TYR A 115 2.73 -16.61 -4.07
CA TYR A 115 2.06 -15.33 -3.89
C TYR A 115 0.60 -15.42 -4.34
N PHE A 116 -0.20 -14.43 -3.95
CA PHE A 116 -1.57 -14.32 -4.41
C PHE A 116 -1.97 -12.87 -4.63
N GLU A 117 -3.08 -12.64 -5.35
CA GLU A 117 -3.46 -11.29 -5.72
C GLU A 117 -4.88 -10.93 -5.33
N THR A 118 -5.04 -9.66 -5.02
CA THR A 118 -6.33 -8.98 -4.92
C THR A 118 -6.34 -7.93 -6.02
N GLU A 119 -7.35 -7.07 -6.03
CA GLU A 119 -7.53 -6.11 -7.14
C GLU A 119 -6.32 -5.20 -7.26
N HIS A 120 -5.83 -4.68 -6.13
CA HIS A 120 -4.75 -3.68 -6.15
C HIS A 120 -3.38 -4.20 -5.75
N ARG A 121 -3.28 -5.41 -5.20
CA ARG A 121 -2.02 -5.87 -4.60
C ARG A 121 -1.59 -7.29 -4.93
N ARG A 122 -0.27 -7.52 -4.93
CA ARG A 122 0.29 -8.86 -4.97
C ARG A 122 1.00 -9.21 -3.67
N PHE A 123 0.49 -10.23 -2.96
CA PHE A 123 1.01 -10.61 -1.66
C PHE A 123 1.96 -11.79 -1.75
N SER A 124 3.23 -11.55 -1.47
CA SER A 124 4.22 -12.61 -1.38
C SER A 124 4.17 -13.25 0.03
N LEU A 125 3.94 -14.56 0.09
CA LEU A 125 3.87 -15.26 1.39
C LEU A 125 5.25 -15.60 1.93
N LEU A 126 5.61 -15.02 3.08
CA LEU A 126 6.89 -15.31 3.74
C LEU A 126 6.77 -16.54 4.66
N ASP A 127 7.92 -17.08 5.06
CA ASP A 127 7.96 -18.19 6.03
C ASP A 127 7.95 -17.68 7.46
N ALA A 128 7.17 -18.35 8.32
CA ALA A 128 6.75 -17.82 9.63
C ALA A 128 7.83 -17.41 10.65
N PRO A 129 8.81 -18.29 10.94
CA PRO A 129 9.81 -17.97 11.98
C PRO A 129 10.84 -16.92 11.51
N GLY A 141 13.17 -5.36 4.90
CA GLY A 141 13.71 -5.61 3.58
C GLY A 141 12.86 -6.62 2.85
N ALA A 142 13.51 -7.54 2.11
CA ALA A 142 12.83 -8.58 1.32
C ALA A 142 12.32 -9.79 2.16
N SER A 143 12.61 -9.78 3.47
CA SER A 143 12.05 -10.74 4.43
C SER A 143 11.47 -10.02 5.67
N GLN A 144 11.15 -8.73 5.51
CA GLN A 144 10.39 -7.98 6.52
C GLN A 144 8.95 -7.98 6.05
N ALA A 145 8.06 -8.46 6.90
CA ALA A 145 6.64 -8.53 6.57
C ALA A 145 5.99 -7.16 6.59
N ASP A 146 5.04 -6.94 5.71
CA ASP A 146 4.16 -5.77 5.76
C ASP A 146 2.96 -6.05 6.63
N ILE A 147 2.49 -7.29 6.60
CA ILE A 147 1.26 -7.69 7.27
C ILE A 147 1.49 -9.00 8.00
N GLY A 148 1.06 -9.09 9.24
CA GLY A 148 1.12 -10.30 10.04
C GLY A 148 -0.30 -10.72 10.31
N VAL A 149 -0.62 -11.99 10.02
CA VAL A 149 -1.95 -12.53 10.26
C VAL A 149 -1.81 -13.66 11.28
N LEU A 150 -2.36 -13.45 12.47
CA LEU A 150 -2.38 -14.50 13.49
C LEU A 150 -3.68 -15.29 13.33
N VAL A 151 -3.58 -16.59 13.03
CA VAL A 151 -4.76 -17.43 12.81
C VAL A 151 -5.07 -18.22 14.06
N ILE A 152 -6.26 -18.00 14.60
CA ILE A 152 -6.70 -18.63 15.84
C ILE A 152 -7.92 -19.52 15.59
N SER A 153 -7.95 -20.70 16.19
CA SER A 153 -9.10 -21.59 16.09
C SER A 153 -10.18 -21.15 17.07
N ALA A 154 -11.41 -21.10 16.58
CA ALA A 154 -12.57 -20.75 17.39
C ALA A 154 -13.24 -21.97 18.00
N ARG A 155 -12.87 -23.17 17.56
CA ARG A 155 -13.41 -24.41 18.11
C ARG A 155 -13.28 -24.46 19.63
N ARG A 156 -14.32 -24.91 20.32
CA ARG A 156 -14.26 -25.08 21.78
C ARG A 156 -13.23 -26.15 22.10
N GLY A 157 -12.46 -25.93 23.17
CA GLY A 157 -11.32 -26.78 23.49
C GLY A 157 -10.02 -26.29 22.85
N GLU A 158 -10.01 -26.13 21.53
CA GLU A 158 -8.77 -25.78 20.81
C GLU A 158 -8.31 -24.34 21.08
N PHE A 159 -9.25 -23.40 20.96
CA PHE A 159 -9.04 -21.99 21.32
C PHE A 159 -8.41 -21.84 22.70
N GLU A 160 -9.14 -22.29 23.70
CA GLU A 160 -8.73 -22.24 25.10
C GLU A 160 -7.36 -22.85 25.31
N ALA A 161 -7.09 -23.97 24.64
CA ALA A 161 -5.84 -24.71 24.84
C ALA A 161 -4.61 -23.85 24.56
N GLY A 162 -4.70 -22.97 23.56
CA GLY A 162 -3.60 -22.10 23.19
C GLY A 162 -3.14 -21.15 24.27
N PHE A 163 -4.00 -20.86 25.24
CA PHE A 163 -3.69 -20.00 26.39
C PHE A 163 -3.33 -20.76 27.65
N GLU A 164 -3.70 -22.04 27.74
CA GLU A 164 -3.39 -22.91 28.89
C GLU A 164 -1.87 -23.17 28.99
N ARG A 165 -1.47 -24.12 29.84
CA ARG A 165 -0.03 -24.39 30.07
C ARG A 165 0.74 -24.81 28.81
N GLY A 166 0.24 -25.83 28.11
CA GLY A 166 0.91 -26.32 26.91
C GLY A 166 0.86 -25.39 25.70
N GLY A 167 0.11 -24.30 25.77
CA GLY A 167 -0.27 -23.54 24.59
C GLY A 167 0.83 -22.73 23.91
N GLN A 168 0.57 -22.33 22.68
CA GLN A 168 1.58 -21.62 21.88
C GLN A 168 1.21 -20.16 21.59
N THR A 169 0.00 -19.75 21.94
CA THR A 169 -0.49 -18.43 21.55
C THR A 169 0.35 -17.27 22.11
N ARG A 170 0.92 -17.44 23.29
CA ARG A 170 1.82 -16.44 23.86
C ARG A 170 3.01 -16.28 22.94
N GLU A 171 3.66 -17.41 22.66
CA GLU A 171 4.82 -17.45 21.79
C GLU A 171 4.50 -16.89 20.39
N HIS A 172 3.28 -17.13 19.92
CA HIS A 172 2.85 -16.62 18.62
C HIS A 172 2.73 -15.11 18.60
N ALA A 173 2.20 -14.52 19.67
CA ALA A 173 2.10 -13.06 19.75
C ALA A 173 3.49 -12.45 19.91
N VAL A 174 4.34 -13.07 20.73
CA VAL A 174 5.72 -12.63 20.84
C VAL A 174 6.43 -12.71 19.47
N LEU A 175 6.10 -13.72 18.68
CA LEU A 175 6.67 -13.88 17.36
C LEU A 175 6.24 -12.73 16.45
N ALA A 176 4.97 -12.35 16.48
CA ALA A 176 4.49 -11.27 15.65
C ALA A 176 5.20 -9.95 15.98
N ARG A 177 5.40 -9.70 17.27
CA ARG A 177 6.12 -8.52 17.73
C ARG A 177 7.58 -8.57 17.26
N THR A 178 8.23 -9.72 17.42
CA THR A 178 9.59 -9.91 16.91
C THR A 178 9.72 -9.70 15.39
N GLN A 179 8.64 -9.93 14.65
CA GLN A 179 8.61 -9.75 13.20
C GLN A 179 8.21 -8.31 12.78
N GLY A 180 8.12 -7.39 13.74
CA GLY A 180 7.87 -6.00 13.44
C GLY A 180 6.41 -5.71 13.17
N ILE A 181 5.55 -6.66 13.48
CA ILE A 181 4.10 -6.50 13.26
C ILE A 181 3.50 -5.72 14.40
N ASN A 182 3.27 -4.44 14.15
CA ASN A 182 2.69 -3.53 15.12
C ASN A 182 1.20 -3.32 14.88
N HIS A 183 0.71 -3.80 13.76
CA HIS A 183 -0.72 -3.80 13.50
C HIS A 183 -1.06 -5.23 13.10
N LEU A 184 -1.60 -5.98 14.05
CA LEU A 184 -1.81 -7.40 13.88
C LEU A 184 -3.20 -7.65 13.33
N VAL A 185 -3.28 -8.42 12.26
CA VAL A 185 -4.55 -8.95 11.78
C VAL A 185 -4.75 -10.32 12.42
N VAL A 186 -5.86 -10.50 13.15
CA VAL A 186 -6.15 -11.71 13.86
C VAL A 186 -7.38 -12.33 13.22
N VAL A 187 -7.18 -13.50 12.63
CA VAL A 187 -8.24 -14.21 11.93
C VAL A 187 -8.81 -15.32 12.83
N ILE A 188 -10.07 -15.20 13.20
CA ILE A 188 -10.73 -16.20 14.00
C ILE A 188 -11.29 -17.26 13.03
N ASN A 189 -10.64 -18.42 12.96
CA ASN A 189 -10.93 -19.46 11.97
C ASN A 189 -11.89 -20.52 12.51
N LYS A 190 -12.37 -21.37 11.61
CA LYS A 190 -13.26 -22.50 11.95
C LYS A 190 -14.63 -22.07 12.48
N MET A 191 -15.14 -20.94 11.98
CA MET A 191 -16.44 -20.44 12.42
C MET A 191 -17.60 -21.37 12.01
N ASP A 192 -17.36 -22.20 10.98
CA ASP A 192 -18.36 -23.11 10.43
C ASP A 192 -18.57 -24.39 11.25
N GLU A 193 -17.57 -24.74 12.07
CA GLU A 193 -17.52 -26.03 12.76
C GLU A 193 -18.70 -26.28 13.71
N PRO A 194 -18.98 -27.54 14.05
CA PRO A 194 -20.07 -27.87 14.98
C PRO A 194 -20.17 -27.03 16.28
N SER A 195 -19.04 -26.81 16.94
CA SER A 195 -19.01 -26.15 18.26
C SER A 195 -19.19 -24.64 18.16
N VAL A 196 -18.85 -24.11 16.99
CA VAL A 196 -19.09 -22.71 16.63
C VAL A 196 -20.01 -22.73 15.43
N GLN A 197 -21.16 -22.08 15.49
CA GLN A 197 -22.01 -22.08 14.30
C GLN A 197 -22.26 -20.66 13.85
N TRP A 198 -21.15 -19.98 13.58
CA TRP A 198 -21.13 -18.55 13.37
C TRP A 198 -21.80 -17.83 14.54
N SER A 199 -21.62 -18.38 15.74
CA SER A 199 -22.19 -17.77 16.92
C SER A 199 -21.47 -16.45 17.19
N GLU A 200 -22.22 -15.37 17.26
CA GLU A 200 -21.68 -14.09 17.73
C GLU A 200 -21.18 -14.18 19.17
N GLU A 201 -21.81 -15.01 20.00
CA GLU A 201 -21.33 -15.21 21.38
C GLU A 201 -19.91 -15.78 21.45
N ARG A 202 -19.62 -16.74 20.57
CA ARG A 202 -18.31 -17.38 20.51
C ARG A 202 -17.27 -16.42 19.97
N TYR A 203 -17.65 -15.68 18.93
CA TYR A 203 -16.74 -14.75 18.26
C TYR A 203 -16.32 -13.65 19.22
N LYS A 204 -17.32 -13.02 19.85
CA LYS A 204 -17.09 -11.98 20.84
C LYS A 204 -16.29 -12.51 22.02
N GLU A 205 -16.56 -13.74 22.44
CA GLU A 205 -15.84 -14.36 23.54
C GLU A 205 -14.37 -14.59 23.17
N CYS A 206 -14.12 -15.04 21.94
CA CYS A 206 -12.77 -15.27 21.47
C CYS A 206 -11.99 -13.98 21.29
N VAL A 207 -12.69 -12.94 20.84
CA VAL A 207 -12.05 -11.65 20.57
C VAL A 207 -11.71 -10.98 21.90
N ASP A 208 -12.66 -10.92 22.83
CA ASP A 208 -12.43 -10.29 24.13
C ASP A 208 -11.26 -10.94 24.88
N LYS A 209 -11.16 -12.26 24.79
CA LYS A 209 -10.09 -12.98 25.44
C LYS A 209 -8.77 -12.69 24.76
N LEU A 210 -8.76 -12.67 23.43
CA LEU A 210 -7.53 -12.42 22.69
C LEU A 210 -7.05 -10.99 22.96
N SER A 211 -8.00 -10.07 23.04
CA SER A 211 -7.71 -8.67 23.29
C SER A 211 -7.02 -8.46 24.64
N MET A 212 -7.53 -9.08 25.68
CA MET A 212 -6.88 -9.02 26.99
C MET A 212 -5.50 -9.69 26.97
N PHE A 213 -5.40 -10.85 26.32
CA PHE A 213 -4.19 -11.66 26.38
C PHE A 213 -3.06 -11.05 25.56
N LEU A 214 -3.38 -10.51 24.39
CA LEU A 214 -2.38 -9.97 23.47
C LEU A 214 -1.75 -8.70 24.03
N ARG A 215 -2.57 -7.89 24.69
CA ARG A 215 -2.06 -6.75 25.45
C ARG A 215 -1.15 -7.23 26.58
N ARG A 216 -1.56 -8.23 27.33
CA ARG A 216 -0.77 -8.67 28.47
C ARG A 216 0.60 -9.19 28.05
N VAL A 217 0.63 -10.06 27.06
CA VAL A 217 1.85 -10.79 26.75
C VAL A 217 2.70 -10.06 25.71
N ALA A 218 2.11 -9.12 25.00
CA ALA A 218 2.82 -8.46 23.89
C ALA A 218 2.44 -7.01 23.64
N GLY A 219 1.68 -6.38 24.52
CA GLY A 219 1.46 -4.95 24.45
C GLY A 219 0.47 -4.43 23.43
N TYR A 220 -0.09 -5.29 22.58
CA TYR A 220 -1.06 -4.85 21.57
C TYR A 220 -2.27 -4.21 22.22
N ASN A 221 -2.51 -2.93 21.89
CA ASN A 221 -3.75 -2.22 22.25
C ASN A 221 -4.78 -2.53 21.17
N SER A 222 -5.88 -3.16 21.54
CA SER A 222 -6.75 -3.77 20.52
C SER A 222 -7.59 -2.75 19.74
N LYS A 223 -7.93 -1.65 20.40
CA LYS A 223 -8.72 -0.59 19.78
C LYS A 223 -8.02 0.02 18.56
N THR A 224 -6.69 0.15 18.60
CA THR A 224 -5.91 0.76 17.53
C THR A 224 -4.97 -0.18 16.74
N ASP A 225 -4.56 -1.30 17.34
CA ASP A 225 -3.45 -2.10 16.81
C ASP A 225 -3.87 -3.47 16.27
N VAL A 226 -5.12 -3.86 16.42
CA VAL A 226 -5.53 -5.20 16.05
C VAL A 226 -6.84 -5.15 15.29
N LYS A 227 -6.88 -5.85 14.16
CA LYS A 227 -8.12 -6.07 13.41
C LYS A 227 -8.53 -7.52 13.60
N TYR A 228 -9.74 -7.75 14.09
CA TYR A 228 -10.28 -9.10 14.21
C TYR A 228 -11.24 -9.38 13.06
N MET A 229 -11.22 -10.62 12.56
CA MET A 229 -12.11 -11.03 11.46
C MET A 229 -12.44 -12.50 11.55
N PRO A 230 -13.73 -12.84 11.45
CA PRO A 230 -14.15 -14.23 11.41
C PRO A 230 -13.99 -14.74 10.00
N VAL A 231 -13.49 -15.96 9.88
CA VAL A 231 -13.44 -16.71 8.63
C VAL A 231 -13.65 -18.20 8.89
N SER A 232 -13.83 -18.92 7.79
CA SER A 232 -13.70 -20.37 7.78
C SER A 232 -12.90 -20.75 6.55
N ALA A 233 -11.69 -21.25 6.79
CA ALA A 233 -10.74 -21.57 5.73
C ALA A 233 -11.15 -22.83 4.99
N TYR A 234 -11.92 -23.68 5.66
CA TYR A 234 -12.41 -24.91 5.05
C TYR A 234 -13.39 -24.56 3.95
N THR A 235 -14.42 -23.80 4.29
CA THR A 235 -15.47 -23.43 3.32
C THR A 235 -15.13 -22.20 2.50
N GLY A 236 -14.06 -21.50 2.86
CA GLY A 236 -13.73 -20.23 2.25
C GLY A 236 -14.66 -19.06 2.58
N GLN A 237 -15.51 -19.25 3.58
CA GLN A 237 -16.45 -18.20 3.92
C GLN A 237 -15.73 -17.01 4.57
N ASN A 238 -15.98 -15.83 4.02
CA ASN A 238 -15.38 -14.58 4.48
C ASN A 238 -13.89 -14.46 4.19
N VAL A 239 -13.35 -15.30 3.31
CA VAL A 239 -11.94 -15.19 2.94
C VAL A 239 -11.85 -14.24 1.76
N LYS A 240 -12.50 -14.57 0.65
CA LYS A 240 -12.54 -13.71 -0.53
C LYS A 240 -13.84 -12.94 -0.59
N ASP A 241 -14.96 -13.64 -0.58
CA ASP A 241 -16.27 -12.99 -0.57
C ASP A 241 -16.72 -12.85 0.87
N ARG A 242 -17.57 -11.87 1.15
CA ARG A 242 -18.14 -11.75 2.50
C ARG A 242 -19.02 -12.95 2.78
N VAL A 243 -19.08 -13.37 4.04
CA VAL A 243 -20.13 -14.31 4.47
C VAL A 243 -21.47 -13.80 4.04
N ASP A 244 -22.33 -14.71 3.60
CA ASP A 244 -23.69 -14.35 3.26
C ASP A 244 -24.48 -14.01 4.51
N SER A 245 -25.47 -13.14 4.36
CA SER A 245 -26.35 -12.75 5.48
C SER A 245 -27.06 -13.94 6.11
N SER A 246 -27.43 -14.94 5.30
CA SER A 246 -28.11 -16.13 5.79
C SER A 246 -27.19 -16.98 6.67
N VAL A 247 -25.90 -16.99 6.36
CA VAL A 247 -24.90 -17.74 7.13
C VAL A 247 -24.48 -17.03 8.43
N CYS A 248 -24.30 -15.71 8.37
CA CYS A 248 -23.85 -14.92 9.50
C CYS A 248 -24.42 -13.50 9.36
N PRO A 249 -25.59 -13.28 9.94
CA PRO A 249 -26.28 -11.98 9.81
C PRO A 249 -25.59 -10.81 10.52
N TRP A 250 -24.83 -11.12 11.58
CA TRP A 250 -24.32 -10.09 12.50
C TRP A 250 -23.01 -9.44 12.06
N TYR A 251 -22.15 -10.20 11.38
CA TYR A 251 -20.89 -9.64 10.85
C TYR A 251 -21.20 -8.90 9.58
N GLN A 252 -20.87 -7.62 9.55
CA GLN A 252 -21.14 -6.84 8.36
C GLN A 252 -19.89 -6.03 7.98
N GLY A 253 -18.73 -6.62 8.24
CA GLY A 253 -17.46 -6.04 7.85
C GLY A 253 -16.99 -6.62 6.53
N PRO A 254 -15.73 -6.39 6.19
CA PRO A 254 -15.14 -6.95 4.97
C PRO A 254 -14.61 -8.37 5.14
N SER A 255 -14.47 -9.06 4.02
CA SER A 255 -13.77 -10.34 3.97
C SER A 255 -12.29 -10.12 4.21
N LEU A 256 -11.57 -11.19 4.53
CA LEU A 256 -10.15 -11.08 4.78
C LEU A 256 -9.46 -10.40 3.61
N LEU A 257 -9.63 -10.93 2.40
CA LEU A 257 -8.94 -10.39 1.23
C LEU A 257 -9.35 -8.95 0.93
N GLU A 258 -10.60 -8.61 1.21
CA GLU A 258 -11.09 -7.27 0.98
C GLU A 258 -10.38 -6.29 1.91
N TYR A 259 -10.18 -6.70 3.16
CA TYR A 259 -9.45 -5.91 4.13
C TYR A 259 -7.94 -5.81 3.78
N LEU A 260 -7.34 -6.94 3.40
CA LEU A 260 -5.93 -6.97 3.00
C LEU A 260 -5.66 -6.04 1.80
N ASP A 261 -6.66 -5.91 0.92
CA ASP A 261 -6.52 -5.13 -0.28
C ASP A 261 -6.40 -3.63 -0.03
N SER A 262 -7.22 -3.09 0.86
CA SER A 262 -7.28 -1.63 1.08
C SER A 262 -6.61 -1.19 2.40
N MET A 263 -6.15 -2.16 3.18
CA MET A 263 -5.30 -1.97 4.36
C MET A 263 -4.24 -0.92 4.12
N THR A 264 -4.07 -0.08 5.09
CA THR A 264 -3.20 1.06 4.96
C THR A 264 -1.88 0.86 5.75
N HIS A 265 -1.94 0.13 6.86
CA HIS A 265 -0.76 -0.08 7.68
C HIS A 265 0.08 -1.24 7.14
N LEU A 266 1.05 -0.94 6.27
CA LEU A 266 2.04 -1.91 5.81
C LEU A 266 3.41 -1.54 6.43
N GLU A 267 3.97 -2.44 7.22
CA GLU A 267 5.14 -2.11 8.04
C GLU A 267 6.34 -1.52 7.30
N ARG A 268 6.73 -2.07 6.15
CA ARG A 268 7.87 -1.50 5.43
C ARG A 268 7.62 -0.05 5.04
N LYS A 269 6.40 0.23 4.59
CA LYS A 269 5.99 1.57 4.15
C LYS A 269 5.87 2.51 5.36
N VAL A 270 5.33 2.02 6.47
CA VAL A 270 5.23 2.81 7.71
C VAL A 270 6.62 3.20 8.23
N ASN A 271 7.58 2.31 8.07
CA ASN A 271 8.92 2.45 8.65
C ASN A 271 9.89 3.10 7.67
N ALA A 272 9.39 3.38 6.46
CA ALA A 272 10.16 4.10 5.47
C ALA A 272 10.22 5.58 5.84
N PRO A 273 11.13 6.31 5.23
CA PRO A 273 11.16 7.78 5.43
C PRO A 273 9.84 8.44 5.07
N PHE A 274 9.44 9.44 5.84
CA PHE A 274 8.20 10.19 5.60
C PHE A 274 8.23 10.82 4.21
N ILE A 275 7.13 10.68 3.49
CA ILE A 275 6.91 11.34 2.20
C ILE A 275 5.44 11.76 2.10
N MET A 276 5.19 13.04 1.84
CA MET A 276 3.83 13.56 1.67
C MET A 276 3.87 14.71 0.66
N PRO A 277 3.46 14.44 -0.58
CA PRO A 277 3.25 15.51 -1.55
C PRO A 277 2.20 16.52 -1.05
N ILE A 278 2.43 17.80 -1.29
CA ILE A 278 1.55 18.86 -0.80
C ILE A 278 0.46 19.09 -1.82
N ALA A 279 -0.78 18.76 -1.46
CA ALA A 279 -1.93 19.01 -2.32
C ALA A 279 -2.48 20.42 -2.17
N SER A 280 -2.43 20.98 -0.97
CA SER A 280 -2.94 22.34 -0.76
C SER A 280 -2.09 23.16 0.18
N LYS A 281 -2.31 24.47 0.14
CA LYS A 281 -1.66 25.41 1.03
C LYS A 281 -2.64 26.53 1.33
N TYR A 282 -3.08 26.64 2.58
CA TYR A 282 -3.91 27.76 3.00
C TYR A 282 -3.45 28.27 4.37
N LYS A 283 -4.23 29.18 4.95
CA LYS A 283 -3.94 29.77 6.26
C LYS A 283 -5.14 29.55 7.17
N ASP A 284 -4.94 28.85 8.27
CA ASP A 284 -5.96 28.75 9.31
C ASP A 284 -5.55 29.66 10.47
N LEU A 285 -4.41 29.35 11.07
CA LEU A 285 -3.85 30.17 12.15
C LEU A 285 -2.39 29.81 12.18
N GLY A 286 -1.70 30.27 11.14
CA GLY A 286 -0.44 29.69 10.71
C GLY A 286 -0.66 28.98 9.39
N THR A 287 0.43 28.55 8.76
CA THR A 287 0.36 27.92 7.43
C THR A 287 -0.09 26.47 7.54
N ILE A 288 -0.88 26.02 6.57
CA ILE A 288 -1.41 24.66 6.56
C ILE A 288 -1.02 23.97 5.26
N LEU A 289 -0.52 22.73 5.37
CA LEU A 289 -0.14 21.95 4.20
C LEU A 289 -0.93 20.64 4.22
N GLU A 290 -1.80 20.46 3.23
CA GLU A 290 -2.65 19.28 3.13
C GLU A 290 -2.09 18.32 2.10
N GLY A 291 -2.25 17.03 2.36
CA GLY A 291 -1.80 15.99 1.45
C GLY A 291 -2.02 14.58 1.99
N LYS A 292 -1.69 13.60 1.17
CA LYS A 292 -1.80 12.18 1.54
C LYS A 292 -0.39 11.67 1.79
N ILE A 293 -0.16 11.08 2.96
CA ILE A 293 1.13 10.51 3.28
C ILE A 293 1.37 9.28 2.41
N GLU A 294 2.44 9.31 1.60
CA GLU A 294 2.76 8.19 0.71
C GLU A 294 3.67 7.16 1.36
N ALA A 295 4.46 7.59 2.33
CA ALA A 295 5.34 6.70 3.03
C ALA A 295 5.61 7.26 4.40
N GLY A 296 5.90 6.36 5.33
CA GLY A 296 6.44 6.71 6.64
C GLY A 296 5.39 7.20 7.59
N SER A 297 5.81 7.91 8.61
CA SER A 297 4.88 8.42 9.63
C SER A 297 5.31 9.80 10.12
N ILE A 298 4.42 10.47 10.84
CA ILE A 298 4.69 11.81 11.35
C ILE A 298 4.04 11.99 12.73
N LYS A 299 4.79 12.54 13.67
CA LYS A 299 4.31 12.88 15.00
C LYS A 299 4.09 14.38 15.08
N LYS A 300 3.29 14.83 16.05
CA LYS A 300 3.18 16.24 16.36
C LYS A 300 4.52 16.72 16.90
N ASN A 301 4.90 17.93 16.53
CA ASN A 301 6.19 18.52 16.87
C ASN A 301 7.39 17.79 16.28
N SER A 302 7.27 17.42 15.01
CA SER A 302 8.37 16.82 14.26
C SER A 302 8.84 17.78 13.18
N ASN A 303 10.14 17.83 12.95
CA ASN A 303 10.68 18.58 11.84
C ASN A 303 10.48 17.78 10.57
N VAL A 304 10.30 18.49 9.46
CA VAL A 304 10.21 17.89 8.15
C VAL A 304 10.97 18.75 7.16
N LEU A 305 11.33 18.16 6.04
CA LEU A 305 12.09 18.85 4.99
C LEU A 305 11.16 19.07 3.82
N VAL A 306 11.19 20.27 3.24
CA VAL A 306 10.51 20.49 2.00
C VAL A 306 11.52 20.31 0.89
N MET A 307 11.35 19.27 0.09
CA MET A 307 12.09 19.13 -1.18
C MET A 307 11.24 19.72 -2.31
N PRO A 308 11.84 20.22 -3.39
CA PRO A 308 13.29 20.16 -3.66
C PRO A 308 14.13 21.34 -3.11
N ILE A 309 13.52 22.25 -2.38
CA ILE A 309 14.18 23.48 -1.94
C ILE A 309 15.09 23.32 -0.71
N ASN A 310 15.03 22.17 -0.04
CA ASN A 310 15.88 21.88 1.11
C ASN A 310 15.64 22.81 2.30
N GLN A 311 14.37 23.09 2.57
CA GLN A 311 13.94 23.94 3.67
C GLN A 311 13.27 23.11 4.78
N THR A 312 13.77 23.25 6.00
CA THR A 312 13.21 22.57 7.16
C THR A 312 12.03 23.36 7.73
N LEU A 313 11.02 22.64 8.22
CA LEU A 313 9.87 23.22 8.92
C LEU A 313 9.43 22.31 10.07
N GLU A 314 8.77 22.87 11.07
CA GLU A 314 8.24 22.09 12.17
C GLU A 314 6.73 21.89 12.01
N VAL A 315 6.29 20.64 12.04
CA VAL A 315 4.87 20.32 12.12
C VAL A 315 4.35 20.50 13.55
N THR A 316 3.56 21.54 13.80
CA THR A 316 3.04 21.83 15.14
C THR A 316 1.66 21.22 15.43
N ALA A 317 0.97 20.76 14.39
CA ALA A 317 -0.32 20.11 14.57
C ALA A 317 -0.72 19.28 13.35
N ILE A 318 -1.49 18.22 13.61
CA ILE A 318 -2.01 17.33 12.59
C ILE A 318 -3.53 17.23 12.72
N TYR A 319 -4.23 17.21 11.58
CA TYR A 319 -5.69 17.08 11.56
C TYR A 319 -6.11 16.11 10.46
N ASP A 320 -7.16 15.33 10.70
CA ASP A 320 -7.66 14.39 9.69
C ASP A 320 -8.71 15.08 8.84
N GLU A 321 -9.27 14.34 7.88
CA GLU A 321 -10.32 14.88 6.98
C GLU A 321 -11.59 15.37 7.72
N ALA A 322 -11.73 15.01 9.00
CA ALA A 322 -12.77 15.58 9.87
C ALA A 322 -12.24 16.61 10.89
N ASP A 323 -11.28 17.44 10.45
CA ASP A 323 -10.63 18.50 11.26
C ASP A 323 -10.54 18.31 12.78
N GLU A 324 -10.19 17.11 13.24
CA GLU A 324 -9.91 16.89 14.66
C GLU A 324 -8.41 16.69 14.82
N GLU A 325 -7.86 17.24 15.91
CA GLU A 325 -6.44 17.11 16.16
C GLU A 325 -6.09 15.69 16.59
N ILE A 326 -5.16 15.09 15.86
CA ILE A 326 -4.61 13.79 16.19
C ILE A 326 -3.08 13.92 16.42
N SER A 327 -2.53 13.01 17.21
CA SER A 327 -1.14 13.13 17.63
C SER A 327 -0.14 12.48 16.63
N SER A 328 -0.64 11.64 15.72
CA SER A 328 0.22 11.05 14.68
C SER A 328 -0.57 10.48 13.50
N SER A 329 0.14 10.24 12.41
CA SER A 329 -0.45 9.67 11.20
C SER A 329 0.56 8.84 10.44
N ILE A 330 0.06 7.97 9.56
CA ILE A 330 0.93 7.09 8.78
C ILE A 330 0.59 7.16 7.31
N CYS A 331 1.42 6.54 6.49
CA CYS A 331 1.13 6.35 5.07
C CYS A 331 -0.32 5.93 4.86
N GLY A 332 -0.98 6.56 3.89
CA GLY A 332 -2.34 6.24 3.52
C GLY A 332 -3.35 7.17 4.18
N ASP A 333 -2.89 8.01 5.09
CA ASP A 333 -3.75 9.00 5.71
C ASP A 333 -3.73 10.29 4.92
N GLN A 334 -4.90 10.93 4.83
CA GLN A 334 -5.02 12.29 4.33
C GLN A 334 -5.01 13.21 5.52
N VAL A 335 -4.00 14.08 5.57
CA VAL A 335 -3.79 14.94 6.73
C VAL A 335 -3.71 16.41 6.35
N ARG A 336 -3.89 17.24 7.36
CA ARG A 336 -3.72 18.69 7.25
C ARG A 336 -2.78 19.12 8.38
N LEU A 337 -1.65 19.67 7.99
CA LEU A 337 -0.54 19.92 8.90
C LEU A 337 -0.31 21.41 9.06
N ARG A 338 -0.48 21.93 10.27
CA ARG A 338 0.03 23.26 10.55
C ARG A 338 1.55 23.17 10.67
N VAL A 339 2.24 24.14 10.07
CA VAL A 339 3.69 24.17 10.08
C VAL A 339 4.24 25.53 10.51
N ARG A 340 5.47 25.53 10.99
CA ARG A 340 6.11 26.70 11.56
C ARG A 340 7.49 26.88 10.95
N GLY A 341 7.85 28.14 10.68
CA GLY A 341 9.13 28.50 10.08
C GLY A 341 8.98 29.28 8.78
N ASP A 342 10.09 29.31 8.01
CA ASP A 342 10.14 30.01 6.72
C ASP A 342 9.50 29.20 5.57
N ASP A 343 8.22 29.43 5.31
CA ASP A 343 7.48 28.66 4.31
C ASP A 343 7.11 29.48 3.07
N SER A 344 7.82 30.58 2.86
CA SER A 344 7.47 31.52 1.79
C SER A 344 7.69 30.97 0.38
N ASP A 345 8.53 29.93 0.23
CA ASP A 345 8.77 29.30 -1.08
C ASP A 345 8.03 27.98 -1.27
N VAL A 346 7.39 27.48 -0.21
CA VAL A 346 6.64 26.24 -0.27
C VAL A 346 5.44 26.36 -1.19
N GLN A 347 5.36 25.52 -2.20
CA GLN A 347 4.21 25.49 -3.09
C GLN A 347 3.69 24.07 -3.24
N THR A 348 2.57 23.90 -3.92
CA THR A 348 2.02 22.55 -4.13
C THR A 348 2.89 21.82 -5.14
N GLY A 349 3.07 20.52 -4.93
CA GLY A 349 3.89 19.72 -5.80
C GLY A 349 5.21 19.44 -5.12
N TYR A 350 5.59 20.32 -4.19
CA TYR A 350 6.73 20.09 -3.32
C TYR A 350 6.32 19.04 -2.31
N VAL A 351 7.30 18.45 -1.64
CA VAL A 351 7.01 17.26 -0.86
C VAL A 351 7.61 17.37 0.52
N LEU A 352 6.77 17.17 1.54
CA LEU A 352 7.27 17.09 2.89
C LEU A 352 7.93 15.74 3.04
N THR A 353 9.06 15.72 3.70
CA THR A 353 9.79 14.48 3.86
C THR A 353 10.73 14.47 5.04
N SER A 354 11.31 13.31 5.28
CA SER A 354 12.30 13.10 6.32
C SER A 354 13.51 13.97 6.12
N THR A 355 14.02 14.54 7.21
CA THR A 355 15.27 15.27 7.16
C THR A 355 16.48 14.35 7.03
N LYS A 356 16.38 13.12 7.53
CA LYS A 356 17.50 12.16 7.45
C LYS A 356 17.62 11.51 6.07
N ASN A 357 16.52 10.93 5.57
CA ASN A 357 16.53 10.24 4.27
C ASN A 357 15.46 10.83 3.35
N PRO A 358 15.71 12.01 2.82
CA PRO A 358 14.68 12.73 2.08
C PRO A 358 14.26 12.07 0.78
N VAL A 359 13.01 12.25 0.38
CA VAL A 359 12.56 11.88 -0.94
C VAL A 359 13.51 12.43 -1.98
N HIS A 360 13.75 11.68 -3.04
CA HIS A 360 14.63 12.13 -4.12
C HIS A 360 14.01 13.25 -4.93
N ALA A 361 14.86 14.05 -5.54
CA ALA A 361 14.45 15.07 -6.48
C ALA A 361 15.53 15.16 -7.52
N THR A 362 15.12 15.35 -8.77
CA THR A 362 16.06 15.32 -9.88
C THR A 362 15.51 16.05 -11.08
N THR A 363 16.37 16.27 -12.06
CA THR A 363 15.96 16.78 -13.37
C THR A 363 16.13 15.73 -14.45
N ARG A 364 16.60 14.52 -14.09
CA ARG A 364 16.95 13.50 -15.08
C ARG A 364 16.50 12.10 -14.65
N PHE A 365 15.71 11.44 -15.50
CA PHE A 365 15.17 10.12 -15.20
C PHE A 365 14.64 9.36 -16.42
N ILE A 366 14.56 8.05 -16.28
CA ILE A 366 14.01 7.16 -17.32
C ILE A 366 12.54 6.87 -17.04
N ALA A 367 11.73 6.71 -18.09
CA ALA A 367 10.26 6.60 -17.94
C ALA A 367 9.51 5.89 -19.08
N GLN A 368 8.76 4.83 -18.71
CA GLN A 368 7.86 4.15 -19.62
C GLN A 368 6.60 4.97 -19.83
N ILE A 369 6.09 5.02 -21.06
CA ILE A 369 5.00 5.94 -21.41
C ILE A 369 4.02 5.35 -22.44
N ALA A 370 2.93 6.08 -22.66
CA ALA A 370 1.88 5.61 -23.54
C ALA A 370 1.10 6.79 -24.11
N ILE A 371 1.28 7.04 -25.41
CA ILE A 371 0.64 8.16 -26.10
C ILE A 371 -0.83 7.84 -26.28
N LEU A 372 -1.69 8.87 -26.24
CA LEU A 372 -3.14 8.69 -26.13
C LEU A 372 -4.00 9.22 -27.30
N GLU A 373 -3.66 10.35 -27.93
CA GLU A 373 -4.59 10.96 -28.91
C GLU A 373 -4.05 11.84 -30.08
N LEU A 374 -3.57 13.05 -29.79
CA LEU A 374 -3.31 14.08 -30.83
C LEU A 374 -1.91 14.15 -31.51
N PRO A 375 -0.81 13.89 -30.76
CA PRO A 375 0.57 14.18 -31.21
C PRO A 375 1.01 14.02 -32.70
N SER A 376 1.81 12.99 -32.99
CA SER A 376 2.64 12.93 -34.21
C SER A 376 3.76 13.97 -34.13
N ILE A 377 4.49 14.00 -33.01
CA ILE A 377 5.46 15.08 -32.72
C ILE A 377 6.89 14.61 -32.33
N LEU A 378 7.86 15.43 -32.75
CA LEU A 378 9.32 15.18 -32.71
C LEU A 378 9.92 14.47 -31.48
N THR A 379 11.01 13.76 -31.73
CA THR A 379 11.84 13.12 -30.70
C THR A 379 12.79 14.12 -30.05
N THR A 380 13.34 13.72 -28.92
CA THR A 380 14.49 14.38 -28.32
C THR A 380 14.22 15.87 -28.04
N GLY A 381 12.95 16.21 -27.84
CA GLY A 381 12.57 17.57 -27.51
C GLY A 381 11.09 17.83 -27.70
N TYR A 382 10.26 17.06 -26.99
CA TYR A 382 8.83 17.31 -27.01
C TYR A 382 8.47 17.94 -25.68
N SER A 383 7.84 19.11 -25.70
CA SER A 383 7.52 19.84 -24.45
C SER A 383 6.04 19.76 -24.11
N CYS A 384 5.75 19.24 -22.91
CA CYS A 384 4.42 19.31 -22.33
C CYS A 384 4.52 19.43 -20.82
N VAL A 385 3.40 19.70 -20.19
CA VAL A 385 3.32 19.66 -18.73
C VAL A 385 3.36 18.19 -18.27
N MET A 386 4.25 17.86 -17.32
CA MET A 386 4.21 16.55 -16.64
C MET A 386 3.58 16.72 -15.28
N HIS A 387 2.72 15.77 -14.91
CA HIS A 387 2.12 15.72 -13.58
C HIS A 387 2.62 14.41 -12.94
N ILE A 388 3.27 14.46 -11.77
CA ILE A 388 3.79 13.22 -11.14
C ILE A 388 3.08 12.82 -9.86
N HIS A 389 2.71 13.80 -9.04
CA HIS A 389 1.85 13.45 -7.91
C HIS A 389 0.94 14.63 -7.86
N THR A 390 1.20 15.52 -6.92
CA THR A 390 0.55 16.79 -6.91
C THR A 390 1.44 17.84 -7.63
N ALA A 391 2.34 17.40 -8.51
CA ALA A 391 3.44 18.25 -8.98
C ALA A 391 3.07 19.29 -10.04
N VAL A 392 2.88 18.86 -11.30
CA VAL A 392 2.66 19.81 -12.42
C VAL A 392 3.93 20.63 -12.73
N GLU A 393 4.69 20.23 -13.75
CA GLU A 393 5.92 20.94 -14.08
C GLU A 393 6.18 21.16 -15.58
N GLU A 394 7.15 20.44 -16.16
CA GLU A 394 7.67 20.78 -17.50
C GLU A 394 8.71 19.74 -17.89
N VAL A 395 8.54 19.10 -19.04
CA VAL A 395 9.36 17.96 -19.38
C VAL A 395 9.59 17.79 -20.88
N SER A 396 10.73 17.18 -21.21
CA SER A 396 11.14 16.93 -22.59
C SER A 396 11.97 15.64 -22.68
N PHE A 397 12.02 15.05 -23.87
CA PHE A 397 12.73 13.78 -24.04
C PHE A 397 14.16 14.08 -24.46
N ALA A 398 15.10 13.28 -23.97
CA ALA A 398 16.53 13.53 -24.19
C ALA A 398 17.17 12.42 -25.02
N LYS A 399 17.00 11.17 -24.56
CA LYS A 399 17.55 10.00 -25.25
C LYS A 399 16.44 8.98 -25.54
N LEU A 400 15.53 9.34 -26.46
CA LEU A 400 14.45 8.43 -26.92
C LEU A 400 15.07 7.09 -27.30
N LEU A 401 14.68 6.04 -26.59
CA LEU A 401 15.41 4.78 -26.60
C LEU A 401 14.57 3.60 -27.16
N HIS A 402 13.35 3.42 -26.65
CA HIS A 402 12.53 2.23 -26.94
C HIS A 402 11.03 2.48 -27.21
N LYS A 403 10.39 1.49 -27.86
CA LYS A 403 8.97 1.50 -28.21
C LYS A 403 8.12 0.49 -27.39
N LEU A 404 8.36 -0.80 -27.59
CA LEU A 404 7.61 -1.89 -26.95
C LEU A 404 6.22 -2.12 -27.57
N ASP A 405 5.75 -3.38 -27.48
CA ASP A 405 4.37 -3.75 -27.83
C ASP A 405 4.02 -5.16 -27.36
N LYS A 406 2.72 -5.36 -27.08
CA LYS A 406 2.17 -6.66 -26.67
C LYS A 406 2.90 -7.21 -25.44
N THR A 407 3.92 -8.05 -25.64
CA THR A 407 4.84 -8.39 -24.55
C THR A 407 5.94 -7.34 -24.53
N ASN A 408 5.98 -6.55 -23.46
CA ASN A 408 6.96 -5.47 -23.33
C ASN A 408 8.40 -5.98 -23.44
N ARG A 409 8.85 -6.18 -24.69
CA ARG A 409 10.14 -6.81 -24.97
C ARG A 409 11.24 -5.77 -24.75
N LYS A 410 11.32 -4.80 -25.65
CA LYS A 410 12.11 -3.58 -25.40
C LYS A 410 12.05 -2.66 -26.61
N SER A 411 12.67 -3.12 -27.71
CA SER A 411 12.82 -2.39 -28.98
C SER A 411 14.29 -2.17 -29.29
N LYS A 412 14.76 -2.79 -30.38
CA LYS A 412 16.16 -2.69 -30.80
C LYS A 412 16.48 -1.41 -31.59
N LYS A 413 15.49 -0.51 -31.75
CA LYS A 413 15.71 0.74 -32.48
C LYS A 413 15.05 1.94 -31.78
N PRO A 414 15.86 2.91 -31.35
CA PRO A 414 15.34 4.21 -30.90
C PRO A 414 14.46 4.94 -31.94
N PRO A 415 13.17 5.18 -31.64
CA PRO A 415 12.26 5.84 -32.60
C PRO A 415 12.58 7.30 -32.88
N MET A 416 12.08 7.80 -34.01
CA MET A 416 12.22 9.21 -34.40
C MET A 416 11.03 10.06 -33.94
N PHE A 417 9.88 9.45 -33.67
CA PHE A 417 8.72 10.19 -33.15
C PHE A 417 7.68 9.32 -32.42
N ALA A 418 6.67 9.97 -31.84
CA ALA A 418 5.59 9.30 -31.12
C ALA A 418 4.32 9.28 -31.94
N THR A 419 3.35 8.47 -31.51
CA THR A 419 2.07 8.34 -32.21
C THR A 419 1.02 7.62 -31.37
N LYS A 420 -0.23 7.70 -31.78
CA LYS A 420 -1.35 7.05 -31.08
C LYS A 420 -1.08 5.56 -30.78
N GLY A 421 -1.17 5.18 -29.51
CA GLY A 421 -1.06 3.80 -29.09
C GLY A 421 0.36 3.25 -28.94
N MET A 422 1.34 4.15 -28.96
CA MET A 422 2.74 3.76 -28.84
C MET A 422 3.16 3.83 -27.37
N LYS A 423 4.39 3.36 -27.08
CA LYS A 423 4.95 3.30 -25.74
C LYS A 423 6.40 3.89 -25.67
N ILE A 424 7.13 3.68 -24.57
CA ILE A 424 8.54 4.12 -24.47
C ILE A 424 9.36 3.56 -23.28
N ILE A 425 10.70 3.63 -23.41
CA ILE A 425 11.61 3.56 -22.25
C ILE A 425 12.85 4.46 -22.52
N ALA A 426 12.82 5.71 -22.04
CA ALA A 426 13.89 6.68 -22.32
C ALA A 426 14.03 7.87 -21.36
N GLU A 427 15.14 8.60 -21.52
CA GLU A 427 15.50 9.73 -20.63
C GLU A 427 14.55 10.92 -20.78
N LEU A 428 14.29 11.56 -19.65
CA LEU A 428 13.46 12.76 -19.59
C LEU A 428 14.19 13.82 -18.76
N GLU A 429 13.77 15.07 -18.93
CA GLU A 429 14.42 16.19 -18.27
C GLU A 429 13.40 17.29 -17.97
N THR A 430 13.60 17.96 -16.82
CA THR A 430 12.79 19.12 -16.41
C THR A 430 13.64 20.38 -16.33
N GLN A 431 12.98 21.55 -16.28
CA GLN A 431 13.68 22.85 -16.18
C GLN A 431 14.09 23.16 -14.74
N THR A 432 13.30 22.68 -13.77
CA THR A 432 13.65 22.78 -12.37
C THR A 432 13.32 21.47 -11.66
N PRO A 433 14.12 21.09 -10.67
CA PRO A 433 14.00 19.76 -10.04
C PRO A 433 12.59 19.44 -9.50
N VAL A 434 12.17 18.19 -9.63
CA VAL A 434 10.89 17.76 -9.07
C VAL A 434 11.08 16.47 -8.30
N CYS A 435 10.28 16.32 -7.24
CA CYS A 435 10.41 15.14 -6.37
C CYS A 435 9.79 13.96 -7.04
N MET A 436 10.45 12.81 -6.93
CA MET A 436 9.97 11.58 -7.54
C MET A 436 10.75 10.40 -6.97
N GLU A 437 10.14 9.23 -7.06
CA GLU A 437 10.80 7.96 -6.83
C GLU A 437 10.38 7.00 -7.95
N ARG A 438 11.14 5.91 -8.10
CA ARG A 438 10.71 4.81 -8.95
C ARG A 438 9.30 4.37 -8.58
N PHE A 439 8.45 4.11 -9.58
CA PHE A 439 7.10 3.57 -9.35
C PHE A 439 7.17 2.31 -8.49
N GLU A 440 8.19 1.50 -8.78
CA GLU A 440 8.52 0.26 -8.07
C GLU A 440 8.69 0.46 -6.57
N ASP A 441 9.20 1.62 -6.17
CA ASP A 441 9.49 1.90 -4.76
C ASP A 441 8.31 2.57 -4.02
N TYR A 442 7.78 3.63 -4.62
CA TYR A 442 6.63 4.36 -4.12
C TYR A 442 5.75 4.75 -5.31
N GLN A 443 4.70 3.97 -5.55
CA GLN A 443 3.85 4.10 -6.73
C GLN A 443 3.43 5.53 -7.08
N TYR A 444 2.75 6.23 -6.16
CA TYR A 444 2.25 7.57 -6.44
C TYR A 444 3.35 8.60 -6.61
N MET A 445 4.58 8.28 -6.20
CA MET A 445 5.72 9.16 -6.41
C MET A 445 6.40 8.94 -7.77
N GLY A 446 6.04 7.84 -8.45
CA GLY A 446 6.57 7.54 -9.78
C GLY A 446 5.54 7.45 -10.90
N ARG A 447 4.28 7.77 -10.63
CA ARG A 447 3.21 7.65 -11.61
C ARG A 447 2.82 9.03 -12.17
N PHE A 448 2.79 9.18 -13.50
CA PHE A 448 2.52 10.50 -14.12
C PHE A 448 1.65 10.54 -15.41
N THR A 449 0.97 11.68 -15.60
CA THR A 449 0.18 11.94 -16.82
C THR A 449 0.60 13.26 -17.50
N LEU A 450 0.66 13.25 -18.84
CA LEU A 450 1.09 14.40 -19.64
C LEU A 450 -0.11 15.15 -20.22
N ARG A 451 -0.03 16.48 -20.26
CA ARG A 451 -1.12 17.34 -20.72
C ARG A 451 -0.59 18.34 -21.77
N ASP A 452 -1.24 18.40 -22.92
CA ASP A 452 -0.77 19.22 -24.05
C ASP A 452 -1.60 20.50 -24.20
N GLN A 453 -1.60 21.31 -23.14
CA GLN A 453 -2.32 22.57 -23.11
C GLN A 453 -3.79 22.35 -23.47
N GLY A 454 -4.39 21.41 -22.75
CA GLY A 454 -5.78 21.04 -22.98
C GLY A 454 -6.19 19.78 -22.24
N THR A 455 -6.20 18.66 -22.96
CA THR A 455 -6.94 17.46 -22.55
C THR A 455 -6.15 16.15 -22.73
N THR A 456 -5.13 15.96 -21.89
CA THR A 456 -4.33 14.71 -21.85
C THR A 456 -3.47 14.46 -23.10
N VAL A 457 -2.59 13.47 -23.03
CA VAL A 457 -1.78 13.02 -24.17
C VAL A 457 -0.94 11.77 -23.91
N ALA A 458 -0.49 11.55 -22.68
CA ALA A 458 0.20 10.31 -22.36
C ALA A 458 0.06 9.90 -20.89
N VAL A 459 0.63 8.74 -20.56
CA VAL A 459 0.72 8.28 -19.17
C VAL A 459 1.99 7.44 -19.03
N GLY A 460 2.60 7.50 -17.85
CA GLY A 460 3.86 6.83 -17.64
C GLY A 460 4.28 6.68 -16.20
N LYS A 461 5.26 5.81 -15.99
CA LYS A 461 5.89 5.61 -14.70
C LYS A 461 7.39 5.79 -14.82
N VAL A 462 8.07 6.18 -13.74
CA VAL A 462 9.51 6.39 -13.76
C VAL A 462 10.19 5.12 -13.30
N VAL A 463 11.31 4.75 -13.93
CA VAL A 463 12.00 3.47 -13.67
C VAL A 463 13.41 3.62 -13.13
N LYS A 464 13.99 4.81 -13.27
CA LYS A 464 15.31 5.08 -12.69
C LYS A 464 15.53 6.57 -12.47
N ILE A 465 16.13 6.91 -11.33
CA ILE A 465 16.52 8.29 -11.01
C ILE A 465 17.96 8.47 -11.41
N LEU A 466 18.32 9.66 -11.88
CA LEU A 466 19.71 9.97 -12.22
C LEU A 466 20.21 11.21 -11.47
N ASP A 467 21.44 11.11 -10.93
CA ASP A 467 22.13 12.20 -10.20
C ASP A 467 21.23 13.08 -9.30
#